data_6TUA
#
_entry.id   6TUA
#
_cell.length_a   60.645
_cell.length_b   47.242
_cell.length_c   152.741
_cell.angle_alpha   90.000
_cell.angle_beta   97.635
_cell.angle_gamma   90.000
#
_symmetry.space_group_name_H-M   'I 1 2 1'
#
loop_
_entity.id
_entity.type
_entity.pdbx_description
1 polymer 'Tyrosine-protein kinase RYK'
2 non-polymer 'SULFATE ION'
3 water water
#
_entity_poly.entity_id   1
_entity_poly.type   'polypeptide(L)'
_entity_poly.pdbx_seq_one_letter_code
;SITSSLGYPTLRIEKNDLRSVTLLEAKGKVKDIAISRERITLKDVLQEGTFGRIFHGILIDEKDPNKEKQAFVKTVKDQA
SEIQVTMMLTESCKLRGLHHRNLLPITHVCIEEGEKPMVILPYMNWGNLKLFLRQCKLVEANNPQAISQQDLVHMAIQIA
CGMSYLARREVIHKDLAARNCVIDDTLQVKITDNALSRDLFPMDYHCLGDNENRPVRWMALESLVNNEFSSASDVWAFGV
TLWELMTLGQTPYVDIDPFEMAAYLKDGYRIAQPINCPDELFAVMACCWALDPEERPKFQQLVQCLTEFHAALGAYV
;
_entity_poly.pdbx_strand_id   A
#
loop_
_chem_comp.id
_chem_comp.type
_chem_comp.name
_chem_comp.formula
SO4 non-polymer 'SULFATE ION' 'O4 S -2'
#
# COMPACT_ATOMS: atom_id res chain seq x y z
N TYR A 8 -28.25 -5.34 31.80
CA TYR A 8 -28.39 -6.18 30.60
C TYR A 8 -27.81 -5.49 29.36
N PRO A 9 -26.93 -6.21 28.62
CA PRO A 9 -26.31 -5.63 27.41
C PRO A 9 -27.18 -5.59 26.17
N THR A 10 -26.55 -5.30 25.03
CA THR A 10 -27.22 -5.18 23.74
C THR A 10 -26.23 -5.57 22.64
N LEU A 11 -26.71 -6.27 21.62
CA LEU A 11 -25.82 -6.57 20.51
C LEU A 11 -25.54 -5.32 19.69
N ARG A 12 -24.34 -5.24 19.14
CA ARG A 12 -23.96 -4.10 18.32
C ARG A 12 -23.38 -4.56 16.99
N SER A 20 -19.31 4.83 12.21
CA SER A 20 -20.41 5.67 11.77
C SER A 20 -20.00 7.15 11.73
N VAL A 21 -18.69 7.37 11.53
CA VAL A 21 -18.08 8.69 11.74
C VAL A 21 -18.70 9.76 10.84
N THR A 22 -18.86 10.95 11.40
CA THR A 22 -19.34 12.11 10.64
C THR A 22 -18.18 12.97 10.19
N LEU A 23 -18.44 13.77 9.15
CA LEU A 23 -17.43 14.68 8.61
C LEU A 23 -16.81 15.56 9.69
N LEU A 24 -17.64 16.15 10.56
CA LEU A 24 -17.09 16.98 11.61
C LEU A 24 -16.23 16.15 12.56
N GLU A 25 -16.66 14.93 12.87
CA GLU A 25 -15.86 14.06 13.72
C GLU A 25 -14.52 13.75 13.07
N ALA A 26 -14.52 13.50 11.76
CA ALA A 26 -13.27 13.19 11.06
C ALA A 26 -12.37 14.41 11.00
N LYS A 27 -12.94 15.58 10.70
CA LYS A 27 -12.17 16.80 10.81
C LYS A 27 -11.65 16.99 12.23
N GLY A 28 -12.38 16.50 13.22
CA GLY A 28 -11.96 16.66 14.60
C GLY A 28 -10.67 15.92 14.90
N LYS A 29 -10.52 14.72 14.33
CA LYS A 29 -9.35 13.90 14.62
C LYS A 29 -8.07 14.46 14.01
N VAL A 30 -8.16 15.33 13.01
CA VAL A 30 -6.99 15.93 12.38
C VAL A 30 -6.82 17.40 12.73
N LYS A 31 -7.68 17.93 13.62
CA LYS A 31 -7.67 19.36 13.92
C LYS A 31 -6.31 19.82 14.42
N ASP A 32 -5.54 18.94 15.06
CA ASP A 32 -4.28 19.35 15.68
C ASP A 32 -3.14 19.51 14.67
N ILE A 33 -3.29 19.05 13.43
CA ILE A 33 -2.30 19.29 12.39
C ILE A 33 -2.91 20.11 11.25
N ALA A 34 -4.02 20.78 11.51
CA ALA A 34 -4.62 21.65 10.52
C ALA A 34 -3.81 22.93 10.35
N ILE A 35 -3.70 23.38 9.11
CA ILE A 35 -3.07 24.64 8.76
C ILE A 35 -3.94 25.32 7.69
N SER A 36 -3.55 26.52 7.30
CA SER A 36 -4.33 27.27 6.34
C SER A 36 -3.91 26.91 4.91
N ARG A 37 -4.88 26.49 4.11
CA ARG A 37 -4.82 26.39 2.66
C ARG A 37 -3.87 27.36 1.99
N GLU A 38 -3.83 28.62 2.48
CA GLU A 38 -3.00 29.62 1.82
C GLU A 38 -1.52 29.24 1.83
N ARG A 39 -1.09 28.42 2.79
CA ARG A 39 0.28 27.92 2.77
C ARG A 39 0.51 26.81 1.76
N ILE A 40 -0.49 26.46 0.95
CA ILE A 40 -0.42 25.33 0.05
C ILE A 40 -0.59 25.84 -1.38
N THR A 41 0.35 25.48 -2.25
CA THR A 41 0.29 25.78 -3.68
C THR A 41 0.27 24.47 -4.44
N LEU A 42 -0.88 24.12 -5.01
CA LEU A 42 -0.96 22.91 -5.83
C LEU A 42 -0.30 23.16 -7.19
N LYS A 43 0.52 22.19 -7.61
CA LYS A 43 1.04 22.18 -8.97
C LYS A 43 0.36 21.08 -9.78
N ASP A 44 1.10 20.06 -10.22
CA ASP A 44 0.56 19.08 -11.15
C ASP A 44 -0.31 18.03 -10.47
N VAL A 45 -1.36 17.59 -11.17
CA VAL A 45 -2.16 16.43 -10.77
C VAL A 45 -1.40 15.16 -11.11
N LEU A 46 -1.15 14.33 -10.10
CA LEU A 46 -0.41 13.09 -10.30
C LEU A 46 -1.31 11.89 -10.53
N GLN A 47 -2.42 11.81 -9.84
CA GLN A 47 -3.38 10.73 -10.03
C GLN A 47 -4.77 11.31 -9.85
N GLU A 48 -5.75 10.68 -10.50
CA GLU A 48 -7.10 11.18 -10.43
C GLU A 48 -8.05 10.02 -10.71
N GLY A 49 -9.16 9.99 -9.96
CA GLY A 49 -10.19 8.98 -10.10
C GLY A 49 -11.54 9.62 -10.29
N THR A 50 -12.59 8.90 -9.88
CA THR A 50 -13.95 9.44 -10.00
C THR A 50 -14.13 10.65 -9.10
N PHE A 51 -13.69 10.56 -7.83
CA PHE A 51 -13.87 11.64 -6.88
C PHE A 51 -12.58 12.14 -6.25
N GLY A 52 -11.50 11.37 -6.29
CA GLY A 52 -10.29 11.76 -5.60
C GLY A 52 -9.17 12.20 -6.54
N ARG A 53 -8.17 12.87 -5.99
CA ARG A 53 -7.17 13.51 -6.82
C ARG A 53 -5.92 13.76 -6.00
N ILE A 54 -4.78 13.31 -6.49
CA ILE A 54 -3.51 13.52 -5.79
C ILE A 54 -2.71 14.55 -6.55
N PHE A 55 -2.34 15.63 -5.87
CA PHE A 55 -1.48 16.65 -6.44
C PHE A 55 -0.04 16.46 -5.98
N HIS A 56 0.88 17.02 -6.77
CA HIS A 56 2.16 17.47 -6.24
C HIS A 56 2.02 18.94 -5.92
N GLY A 57 2.36 19.32 -4.69
CA GLY A 57 2.19 20.69 -4.25
C GLY A 57 3.39 21.19 -3.48
N ILE A 58 3.31 22.47 -3.10
CA ILE A 58 4.37 23.17 -2.39
C ILE A 58 3.81 23.71 -1.08
N LEU A 59 4.52 23.45 0.02
CA LEU A 59 4.14 23.92 1.35
C LEU A 59 5.12 24.99 1.81
N ILE A 60 4.61 26.19 2.13
CA ILE A 60 5.44 27.30 2.61
C ILE A 60 5.62 27.19 4.12
N ASP A 61 6.82 27.52 4.61
CA ASP A 61 7.14 27.38 6.03
C ASP A 61 6.32 28.32 6.92
N GLU A 68 10.07 26.74 1.45
CA GLU A 68 9.12 25.79 0.87
C GLU A 68 9.60 24.32 0.85
N LYS A 69 8.71 23.40 1.23
CA LYS A 69 8.91 21.96 1.12
C LYS A 69 7.94 21.38 0.11
N GLN A 70 8.33 20.27 -0.51
CA GLN A 70 7.48 19.64 -1.51
C GLN A 70 6.61 18.58 -0.85
N ALA A 71 5.39 18.43 -1.38
CA ALA A 71 4.40 17.58 -0.74
C ALA A 71 3.56 16.83 -1.76
N PHE A 72 3.11 15.64 -1.35
CA PHE A 72 1.85 15.10 -1.87
C PHE A 72 0.69 15.85 -1.23
N VAL A 73 -0.39 16.01 -1.99
CA VAL A 73 -1.65 16.54 -1.47
C VAL A 73 -2.79 15.67 -1.96
N LYS A 74 -3.46 14.98 -1.05
CA LYS A 74 -4.68 14.24 -1.41
C LYS A 74 -5.89 15.15 -1.22
N THR A 75 -6.80 15.12 -2.19
CA THR A 75 -7.99 15.94 -2.10
C THR A 75 -9.08 15.32 -2.98
N VAL A 76 -10.24 15.98 -3.01
CA VAL A 76 -11.42 15.42 -3.67
C VAL A 76 -11.91 16.39 -4.74
N LYS A 77 -12.64 15.84 -5.70
CA LYS A 77 -13.33 16.63 -6.70
C LYS A 77 -14.64 17.16 -6.13
N ASP A 78 -15.26 18.08 -6.87
CA ASP A 78 -16.56 18.63 -6.46
C ASP A 78 -17.64 17.55 -6.40
N GLN A 79 -17.55 16.52 -7.24
CA GLN A 79 -18.50 15.41 -7.22
C GLN A 79 -18.43 14.57 -5.94
N ALA A 80 -17.43 14.77 -5.08
CA ALA A 80 -17.26 13.88 -3.93
C ALA A 80 -18.37 14.11 -2.92
N SER A 81 -18.89 13.01 -2.39
CA SER A 81 -19.94 13.08 -1.39
C SER A 81 -19.33 13.28 -0.01
N GLU A 82 -20.19 13.61 0.97
CA GLU A 82 -19.71 13.77 2.33
C GLU A 82 -19.16 12.46 2.88
N ILE A 83 -19.75 11.33 2.47
CA ILE A 83 -19.29 10.02 2.92
C ILE A 83 -17.88 9.73 2.41
N GLN A 84 -17.61 10.03 1.14
CA GLN A 84 -16.28 9.79 0.58
C GLN A 84 -15.24 10.73 1.20
N VAL A 85 -15.56 12.02 1.31
CA VAL A 85 -14.62 12.93 1.94
C VAL A 85 -14.31 12.47 3.36
N THR A 86 -15.33 12.04 4.09
CA THR A 86 -15.12 11.59 5.47
C THR A 86 -14.15 10.41 5.51
N MET A 87 -14.37 9.41 4.66
CA MET A 87 -13.48 8.25 4.67
C MET A 87 -12.07 8.58 4.19
N MET A 88 -11.92 9.58 3.31
CA MET A 88 -10.59 10.06 3.01
C MET A 88 -9.85 10.47 4.28
N LEU A 89 -10.46 11.35 5.08
CA LEU A 89 -9.82 11.85 6.30
C LEU A 89 -9.52 10.73 7.28
N THR A 90 -10.50 9.85 7.51
CA THR A 90 -10.33 8.83 8.54
C THR A 90 -9.26 7.83 8.12
N GLU A 91 -9.21 7.49 6.83
CA GLU A 91 -8.20 6.54 6.36
C GLU A 91 -6.83 7.19 6.30
N SER A 92 -6.76 8.51 6.16
CA SER A 92 -5.49 9.22 6.19
C SER A 92 -4.75 9.11 7.53
N CYS A 93 -5.45 8.74 8.59
CA CYS A 93 -4.82 8.69 9.90
C CYS A 93 -4.21 7.35 10.24
N LYS A 94 -4.30 6.36 9.35
CA LYS A 94 -3.89 5.01 9.71
C LYS A 94 -2.52 5.00 10.36
N LEU A 95 -1.60 5.85 9.88
CA LEU A 95 -0.20 5.84 10.31
C LEU A 95 0.17 7.05 11.18
N ARG A 96 -0.80 7.81 11.68
CA ARG A 96 -0.47 8.97 12.49
C ARG A 96 0.30 8.58 13.75
N GLY A 97 1.29 9.41 14.10
CA GLY A 97 2.09 9.19 15.29
C GLY A 97 3.17 8.14 15.16
N LEU A 98 3.31 7.49 14.01
CA LEU A 98 4.38 6.54 13.78
C LEU A 98 5.50 7.22 13.01
N HIS A 99 6.75 6.90 13.35
CA HIS A 99 7.91 7.56 12.76
C HIS A 99 8.93 6.48 12.42
N HIS A 100 9.02 6.18 11.14
CA HIS A 100 9.94 5.18 10.62
C HIS A 100 10.24 5.54 9.17
N ARG A 101 11.51 5.44 8.79
CA ARG A 101 11.95 5.88 7.46
C ARG A 101 11.21 5.18 6.31
N ASN A 102 10.54 4.06 6.55
CA ASN A 102 9.81 3.38 5.50
C ASN A 102 8.29 3.54 5.63
N LEU A 103 7.85 4.57 6.37
CA LEU A 103 6.43 4.91 6.53
C LEU A 103 6.22 6.36 6.12
N LEU A 104 5.12 6.63 5.44
CA LEU A 104 4.81 7.99 5.00
C LEU A 104 3.56 8.49 5.72
N PRO A 105 3.69 8.98 6.95
CA PRO A 105 2.50 9.48 7.66
C PRO A 105 2.15 10.87 7.18
N ILE A 106 0.92 11.25 7.44
CA ILE A 106 0.49 12.58 7.07
C ILE A 106 1.07 13.59 8.06
N THR A 107 1.31 14.79 7.57
CA THR A 107 1.91 15.83 8.37
C THR A 107 0.99 17.01 8.61
N HIS A 108 0.06 17.29 7.69
CA HIS A 108 -0.87 18.40 7.89
C HIS A 108 -2.16 18.12 7.15
N VAL A 109 -3.20 18.86 7.53
CA VAL A 109 -4.48 18.87 6.84
C VAL A 109 -4.92 20.31 6.63
N CYS A 110 -5.83 20.51 5.68
CA CYS A 110 -6.63 21.73 5.56
C CYS A 110 -8.09 21.35 5.58
N ILE A 111 -8.81 21.87 6.59
CA ILE A 111 -10.17 21.45 6.85
C ILE A 111 -11.08 22.63 7.09
N GLU A 112 -10.73 23.80 6.56
CA GLU A 112 -11.60 24.97 6.68
C GLU A 112 -13.03 24.67 6.25
N GLU A 113 -13.98 25.18 7.04
CA GLU A 113 -15.40 25.07 6.73
C GLU A 113 -15.71 25.58 5.33
N GLY A 114 -16.57 24.84 4.62
CA GLY A 114 -17.02 25.23 3.31
C GLY A 114 -16.08 24.98 2.15
N GLU A 115 -14.94 24.34 2.39
CA GLU A 115 -13.97 24.08 1.35
C GLU A 115 -13.68 22.60 1.27
N LYS A 116 -13.07 22.20 0.17
CA LYS A 116 -12.72 20.79 0.02
C LYS A 116 -11.48 20.48 0.85
N PRO A 117 -11.52 19.46 1.69
CA PRO A 117 -10.37 19.18 2.57
C PRO A 117 -9.19 18.62 1.80
N MET A 118 -8.00 18.92 2.30
CA MET A 118 -6.77 18.42 1.73
C MET A 118 -5.94 17.74 2.81
N VAL A 119 -5.34 16.62 2.46
CA VAL A 119 -4.38 15.92 3.30
C VAL A 119 -2.98 16.14 2.70
N ILE A 120 -2.01 16.40 3.55
CA ILE A 120 -0.69 16.82 3.10
C ILE A 120 0.35 15.85 3.65
N LEU A 121 1.25 15.39 2.79
CA LEU A 121 2.25 14.40 3.12
C LEU A 121 3.59 14.80 2.53
N PRO A 122 4.70 14.29 3.06
CA PRO A 122 5.99 14.53 2.40
C PRO A 122 6.06 13.84 1.05
N TYR A 123 6.68 14.54 0.09
CA TYR A 123 6.71 14.10 -1.30
C TYR A 123 7.75 13.01 -1.54
N MET A 124 7.38 12.00 -2.35
CA MET A 124 8.33 10.99 -2.85
C MET A 124 8.32 11.06 -4.37
N ASN A 125 9.40 11.59 -4.95
CA ASN A 125 9.37 12.12 -6.30
C ASN A 125 9.33 11.08 -7.41
N TRP A 126 9.30 9.77 -7.12
CA TRP A 126 9.02 8.80 -8.17
C TRP A 126 7.65 8.19 -7.99
N GLY A 127 6.84 8.72 -7.09
CA GLY A 127 5.42 8.45 -7.05
C GLY A 127 5.05 7.03 -6.65
N ASN A 128 3.86 6.64 -7.10
CA ASN A 128 3.25 5.38 -6.73
C ASN A 128 4.09 4.19 -7.18
N LEU A 129 4.41 3.31 -6.22
CA LEU A 129 5.31 2.20 -6.50
C LEU A 129 4.76 1.29 -7.59
N LYS A 130 3.46 1.00 -7.56
CA LYS A 130 2.87 0.14 -8.58
C LYS A 130 2.98 0.78 -9.97
N LEU A 131 2.54 2.03 -10.10
CA LEU A 131 2.68 2.73 -11.38
C LEU A 131 4.13 2.82 -11.82
N PHE A 132 5.07 2.79 -10.87
CA PHE A 132 6.47 2.90 -11.21
C PHE A 132 6.99 1.58 -11.73
N LEU A 133 6.67 0.50 -11.03
CA LEU A 133 6.99 -0.84 -11.54
C LEU A 133 6.51 -1.03 -12.98
N ARG A 134 5.28 -0.61 -13.28
CA ARG A 134 4.76 -0.84 -14.63
C ARG A 134 5.52 -0.03 -15.67
N GLN A 135 5.90 1.21 -15.34
CA GLN A 135 6.76 1.99 -16.23
C GLN A 135 8.09 1.28 -16.49
N CYS A 136 8.68 0.66 -15.45
CA CYS A 136 9.86 -0.17 -15.69
C CYS A 136 9.54 -1.37 -16.57
N LYS A 137 8.38 -1.99 -16.38
CA LYS A 137 8.00 -3.16 -17.17
C LYS A 137 8.00 -2.84 -18.65
N LEU A 138 7.62 -1.61 -19.01
CA LEU A 138 7.75 -1.15 -20.39
C LEU A 138 9.20 -1.10 -20.84
N VAL A 139 10.13 -0.75 -19.94
CA VAL A 139 11.55 -0.77 -20.30
C VAL A 139 12.00 -2.18 -20.63
N GLU A 140 11.65 -3.14 -19.75
CA GLU A 140 12.05 -4.53 -19.91
C GLU A 140 11.61 -5.14 -21.24
N ALA A 141 10.56 -4.61 -21.87
CA ALA A 141 10.09 -5.13 -23.15
C ALA A 141 11.22 -5.17 -24.17
N ASN A 142 11.93 -4.06 -24.35
CA ASN A 142 12.98 -3.95 -25.35
C ASN A 142 14.39 -4.01 -24.76
N ASN A 143 14.51 -4.25 -23.46
CA ASN A 143 15.81 -4.47 -22.80
C ASN A 143 15.61 -5.59 -21.79
N PRO A 144 15.67 -6.84 -22.24
CA PRO A 144 15.12 -7.92 -21.40
C PRO A 144 15.95 -8.22 -20.17
N GLN A 145 17.26 -8.18 -20.26
CA GLN A 145 18.13 -8.41 -19.09
C GLN A 145 18.56 -7.07 -18.49
N ALA A 146 17.57 -6.24 -18.14
CA ALA A 146 17.84 -4.91 -17.62
C ALA A 146 17.43 -4.71 -16.17
N ILE A 147 16.48 -5.50 -15.69
CA ILE A 147 15.92 -5.29 -14.37
C ILE A 147 16.79 -5.99 -13.33
N SER A 148 16.96 -5.34 -12.17
CA SER A 148 17.90 -5.82 -11.17
C SER A 148 17.09 -6.42 -10.03
N GLN A 149 17.15 -7.75 -9.91
CA GLN A 149 16.54 -8.41 -8.77
C GLN A 149 17.08 -7.86 -7.44
N GLN A 150 18.37 -7.51 -7.38
CA GLN A 150 18.88 -6.88 -6.18
C GLN A 150 18.13 -5.58 -5.88
N ASP A 151 17.94 -4.75 -6.90
CA ASP A 151 17.18 -3.52 -6.70
C ASP A 151 15.77 -3.80 -6.20
N LEU A 152 15.13 -4.84 -6.75
CA LEU A 152 13.78 -5.17 -6.35
C LEU A 152 13.71 -5.64 -4.91
N VAL A 153 14.64 -6.51 -4.51
CA VAL A 153 14.69 -6.98 -3.13
C VAL A 153 14.97 -5.83 -2.18
N HIS A 154 15.84 -4.91 -2.60
CA HIS A 154 16.04 -3.71 -1.80
C HIS A 154 14.71 -3.04 -1.48
N MET A 155 13.79 -3.03 -2.43
CA MET A 155 12.47 -2.49 -2.15
C MET A 155 11.70 -3.38 -1.17
N ALA A 156 11.76 -4.69 -1.39
CA ALA A 156 11.07 -5.62 -0.49
C ALA A 156 11.54 -5.45 0.95
N ILE A 157 12.86 -5.33 1.16
CA ILE A 157 13.40 -5.22 2.52
C ILE A 157 12.80 -4.03 3.23
N GLN A 158 12.78 -2.88 2.55
CA GLN A 158 12.25 -1.66 3.16
C GLN A 158 10.79 -1.83 3.56
N ILE A 159 9.98 -2.41 2.67
CA ILE A 159 8.58 -2.65 2.98
C ILE A 159 8.47 -3.53 4.21
N ALA A 160 9.22 -4.63 4.26
CA ALA A 160 9.15 -5.49 5.43
C ALA A 160 9.64 -4.77 6.68
N CYS A 161 10.61 -3.87 6.53
CA CYS A 161 11.14 -3.19 7.70
C CYS A 161 10.12 -2.21 8.29
N GLY A 162 9.26 -1.64 7.44
CA GLY A 162 8.21 -0.75 7.93
C GLY A 162 7.07 -1.52 8.53
N MET A 163 6.70 -2.63 7.88
CA MET A 163 5.68 -3.52 8.42
C MET A 163 6.10 -4.06 9.77
N SER A 164 7.38 -4.40 9.92
CA SER A 164 7.88 -4.86 11.20
C SER A 164 7.66 -3.82 12.28
N TYR A 165 7.87 -2.54 11.93
CA TYR A 165 7.63 -1.46 12.88
C TYR A 165 6.15 -1.35 13.23
N LEU A 166 5.27 -1.55 12.25
CA LEU A 166 3.82 -1.55 12.52
C LEU A 166 3.40 -2.76 13.33
N ALA A 167 3.82 -3.96 12.89
CA ALA A 167 3.41 -5.17 13.57
C ALA A 167 3.83 -5.17 15.03
N ARG A 168 5.03 -4.66 15.34
CA ARG A 168 5.48 -4.64 16.73
C ARG A 168 4.63 -3.71 17.59
N ARG A 169 3.94 -2.76 16.97
CA ARG A 169 3.07 -1.85 17.69
C ARG A 169 1.59 -2.18 17.53
N GLU A 170 1.28 -3.41 17.11
CA GLU A 170 -0.10 -3.89 16.96
C GLU A 170 -0.93 -3.04 16.00
N VAL A 171 -0.27 -2.37 15.04
CA VAL A 171 -0.96 -1.66 13.97
C VAL A 171 -1.11 -2.61 12.78
N ILE A 172 -2.36 -2.90 12.40
CA ILE A 172 -2.66 -3.77 11.27
C ILE A 172 -2.98 -2.90 10.06
N HIS A 173 -2.24 -3.10 8.98
CA HIS A 173 -2.42 -2.23 7.83
C HIS A 173 -3.69 -2.57 7.06
N LYS A 174 -3.93 -3.85 6.81
CA LYS A 174 -5.13 -4.41 6.18
C LYS A 174 -5.20 -4.16 4.67
N ASP A 175 -4.28 -3.40 4.08
CA ASP A 175 -4.29 -3.14 2.65
C ASP A 175 -2.86 -3.00 2.11
N LEU A 176 -1.94 -3.80 2.62
CA LEU A 176 -0.58 -3.81 2.08
C LEU A 176 -0.60 -4.31 0.65
N ALA A 177 -0.12 -3.46 -0.26
CA ALA A 177 0.01 -3.78 -1.66
C ALA A 177 0.97 -2.74 -2.23
N ALA A 178 1.44 -2.99 -3.46
CA ALA A 178 2.36 -2.03 -4.09
C ALA A 178 1.67 -0.70 -4.36
N ARG A 179 0.37 -0.73 -4.66
CA ARG A 179 -0.38 0.50 -4.89
C ARG A 179 -0.41 1.41 -3.66
N ASN A 180 -0.09 0.89 -2.47
CA ASN A 180 0.01 1.73 -1.27
C ASN A 180 1.45 1.91 -0.81
N CYS A 181 2.38 1.91 -1.76
CA CYS A 181 3.76 2.31 -1.51
C CYS A 181 4.12 3.42 -2.48
N VAL A 182 5.16 4.17 -2.10
CA VAL A 182 5.75 5.22 -2.92
C VAL A 182 7.26 5.07 -2.83
N ILE A 183 7.94 5.59 -3.86
CA ILE A 183 9.38 5.45 -4.01
C ILE A 183 9.95 6.79 -4.46
N ASP A 184 11.18 7.09 -4.04
CA ASP A 184 11.83 8.31 -4.49
C ASP A 184 13.07 7.95 -5.32
N ASP A 185 13.78 8.98 -5.79
CA ASP A 185 14.87 8.73 -6.71
C ASP A 185 16.13 8.21 -6.04
N THR A 186 16.11 7.94 -4.74
CA THR A 186 17.19 7.21 -4.10
C THR A 186 16.81 5.76 -3.87
N LEU A 187 15.70 5.32 -4.46
CA LEU A 187 15.14 3.97 -4.34
C LEU A 187 14.67 3.67 -2.93
N GLN A 188 14.36 4.69 -2.15
CA GLN A 188 13.76 4.49 -0.84
C GLN A 188 12.26 4.32 -1.01
N VAL A 189 11.69 3.33 -0.33
CA VAL A 189 10.26 3.03 -0.40
C VAL A 189 9.62 3.35 0.95
N LYS A 190 8.41 3.90 0.91
CA LYS A 190 7.61 4.09 2.11
C LYS A 190 6.20 3.55 1.89
N ILE A 191 5.67 2.85 2.91
CA ILE A 191 4.28 2.43 2.95
C ILE A 191 3.39 3.61 3.31
N THR A 192 2.26 3.73 2.62
CA THR A 192 1.32 4.82 2.85
C THR A 192 0.04 4.30 3.48
N ASP A 193 -0.78 5.24 3.95
CA ASP A 193 -2.19 5.01 4.22
C ASP A 193 -2.94 4.72 2.91
N ASN A 194 -4.14 4.15 3.02
CA ASN A 194 -4.88 3.72 1.84
C ASN A 194 -5.96 4.70 1.42
N ALA A 195 -5.95 5.93 1.94
CA ALA A 195 -6.97 6.91 1.54
C ALA A 195 -6.91 7.15 0.03
N LEU A 196 -8.07 7.03 -0.62
CA LEU A 196 -8.34 7.23 -2.05
C LEU A 196 -7.88 6.02 -2.89
N SER A 197 -7.27 5.01 -2.28
CA SER A 197 -6.75 3.88 -3.03
C SER A 197 -7.84 3.14 -3.80
N ARG A 198 -9.04 3.01 -3.20
CA ARG A 198 -10.17 2.37 -3.88
C ARG A 198 -10.68 3.18 -5.05
N ASP A 199 -10.57 4.51 -4.99
CA ASP A 199 -10.95 5.37 -6.10
C ASP A 199 -9.86 5.50 -7.16
N LEU A 200 -8.60 5.30 -6.78
CA LEU A 200 -7.50 5.43 -7.71
C LEU A 200 -7.08 4.10 -8.33
N PHE A 201 -7.33 3.00 -7.63
CA PHE A 201 -7.04 1.68 -8.15
C PHE A 201 -8.31 0.82 -8.04
N PRO A 202 -9.40 1.25 -8.69
CA PRO A 202 -10.67 0.53 -8.52
C PRO A 202 -10.60 -0.93 -8.96
N MET A 203 -9.80 -1.24 -9.97
CA MET A 203 -9.75 -2.61 -10.48
C MET A 203 -9.20 -3.61 -9.48
N ASP A 204 -8.56 -3.15 -8.39
CA ASP A 204 -8.00 -4.02 -7.37
C ASP A 204 -8.91 -4.24 -6.14
N TYR A 205 -10.13 -3.74 -6.15
CA TYR A 205 -11.04 -3.97 -5.04
C TYR A 205 -12.35 -4.55 -5.56
N HIS A 206 -12.88 -5.57 -4.88
CA HIS A 206 -14.08 -6.28 -5.33
C HIS A 206 -15.07 -6.51 -4.19
N CYS A 207 -16.36 -6.39 -4.52
CA CYS A 207 -17.42 -6.86 -3.64
C CYS A 207 -17.71 -8.32 -3.97
N LEU A 208 -17.87 -9.13 -2.95
CA LEU A 208 -17.87 -10.57 -3.17
C LEU A 208 -19.09 -11.25 -2.52
N GLU A 212 -19.30 -4.76 0.61
CA GLU A 212 -18.02 -4.14 0.97
C GLU A 212 -16.91 -4.42 -0.07
N ASN A 213 -16.09 -3.39 -0.29
CA ASN A 213 -15.16 -3.30 -1.41
C ASN A 213 -13.73 -3.63 -0.95
N ARG A 214 -13.30 -4.87 -1.17
CA ARG A 214 -12.13 -5.41 -0.48
C ARG A 214 -11.01 -5.82 -1.45
N PRO A 215 -9.73 -5.75 -1.01
CA PRO A 215 -8.58 -6.15 -1.85
C PRO A 215 -8.41 -7.67 -1.92
N VAL A 216 -9.42 -8.32 -2.49
CA VAL A 216 -9.57 -9.78 -2.44
C VAL A 216 -8.31 -10.47 -2.91
N ARG A 217 -7.66 -9.92 -3.93
CA ARG A 217 -6.51 -10.59 -4.48
C ARG A 217 -5.26 -10.50 -3.59
N TRP A 218 -5.26 -9.64 -2.57
CA TRP A 218 -4.15 -9.52 -1.64
C TRP A 218 -4.47 -10.13 -0.28
N MET A 219 -5.62 -10.79 -0.12
CA MET A 219 -6.14 -11.06 1.22
C MET A 219 -5.92 -12.52 1.61
N ALA A 220 -5.56 -12.74 2.87
CA ALA A 220 -5.43 -14.09 3.37
C ALA A 220 -6.79 -14.79 3.39
N LEU A 221 -6.74 -16.12 3.25
CA LEU A 221 -7.98 -16.89 3.21
C LEU A 221 -8.87 -16.62 4.41
N GLU A 222 -8.28 -16.45 5.61
CA GLU A 222 -9.10 -16.19 6.79
C GLU A 222 -9.70 -14.80 6.78
N SER A 223 -9.06 -13.83 6.09
CA SER A 223 -9.70 -12.53 5.94
C SER A 223 -10.87 -12.61 4.98
N LEU A 224 -10.71 -13.37 3.90
CA LEU A 224 -11.80 -13.57 2.95
C LEU A 224 -13.01 -14.22 3.61
N VAL A 225 -12.79 -15.27 4.38
CA VAL A 225 -13.88 -16.11 4.87
C VAL A 225 -14.45 -15.59 6.19
N ASN A 226 -13.60 -15.18 7.12
CA ASN A 226 -14.04 -14.87 8.47
C ASN A 226 -13.91 -13.40 8.80
N ASN A 227 -13.45 -12.59 7.84
CA ASN A 227 -13.22 -11.16 8.05
C ASN A 227 -12.20 -10.88 9.16
N GLU A 228 -11.26 -11.81 9.38
CA GLU A 228 -10.23 -11.65 10.41
C GLU A 228 -8.95 -11.05 9.81
N PHE A 229 -8.41 -10.03 10.46
CA PHE A 229 -7.18 -9.40 10.04
C PHE A 229 -6.18 -9.41 11.19
N SER A 230 -4.91 -9.53 10.83
CA SER A 230 -3.82 -9.62 11.80
C SER A 230 -2.52 -9.34 11.06
N SER A 231 -1.43 -9.25 11.82
CA SER A 231 -0.13 -9.12 11.17
C SER A 231 0.15 -10.29 10.23
N ALA A 232 -0.37 -11.47 10.58
CA ALA A 232 -0.12 -12.62 9.73
C ALA A 232 -0.88 -12.52 8.41
N SER A 233 -2.01 -11.83 8.40
CA SER A 233 -2.65 -11.61 7.12
C SER A 233 -2.00 -10.46 6.40
N ASP A 234 -1.50 -9.46 7.14
CA ASP A 234 -0.53 -8.50 6.59
C ASP A 234 0.66 -9.19 5.92
N VAL A 235 1.16 -10.27 6.54
CA VAL A 235 2.28 -10.99 5.95
C VAL A 235 1.85 -11.68 4.65
N TRP A 236 0.65 -12.24 4.62
CA TRP A 236 0.13 -12.81 3.37
C TRP A 236 0.15 -11.76 2.27
N ALA A 237 -0.37 -10.56 2.56
CA ALA A 237 -0.39 -9.51 1.56
C ALA A 237 1.03 -9.06 1.19
N PHE A 238 1.96 -9.09 2.14
CA PHE A 238 3.36 -8.84 1.78
C PHE A 238 3.85 -9.84 0.73
N GLY A 239 3.54 -11.13 0.92
CA GLY A 239 3.85 -12.12 -0.10
C GLY A 239 3.34 -11.76 -1.48
N VAL A 240 2.10 -11.28 -1.57
CA VAL A 240 1.59 -10.88 -2.87
C VAL A 240 2.32 -9.62 -3.35
N THR A 241 2.62 -8.71 -2.43
CA THR A 241 3.37 -7.50 -2.80
C THR A 241 4.78 -7.85 -3.25
N LEU A 242 5.40 -8.84 -2.64
CA LEU A 242 6.67 -9.33 -3.17
C LEU A 242 6.51 -9.90 -4.57
N TRP A 243 5.38 -10.54 -4.87
CA TRP A 243 5.13 -11.02 -6.23
C TRP A 243 4.94 -9.87 -7.19
N GLU A 244 4.27 -8.80 -6.74
CA GLU A 244 4.16 -7.60 -7.57
C GLU A 244 5.53 -7.07 -7.96
N LEU A 245 6.44 -7.03 -6.99
CA LEU A 245 7.78 -6.54 -7.26
C LEU A 245 8.47 -7.40 -8.32
N MET A 246 8.46 -8.73 -8.15
CA MET A 246 9.22 -9.58 -9.06
C MET A 246 8.60 -9.68 -10.46
N THR A 247 7.34 -9.27 -10.64
CA THR A 247 6.72 -9.25 -11.95
C THR A 247 6.61 -7.84 -12.51
N LEU A 248 7.23 -6.87 -11.85
CA LEU A 248 7.14 -5.47 -12.27
C LEU A 248 5.69 -4.99 -12.33
N GLY A 249 4.90 -5.37 -11.32
CA GLY A 249 3.58 -4.81 -11.14
C GLY A 249 2.46 -5.55 -11.84
N GLN A 250 2.58 -6.84 -12.05
CA GLN A 250 1.49 -7.58 -12.68
C GLN A 250 0.31 -7.65 -11.71
N THR A 251 -0.88 -7.37 -12.23
CA THR A 251 -2.10 -7.70 -11.50
C THR A 251 -2.14 -9.20 -11.20
N PRO A 252 -2.24 -9.60 -9.95
CA PRO A 252 -2.25 -11.02 -9.61
C PRO A 252 -3.62 -11.65 -9.85
N TYR A 253 -3.60 -12.95 -10.15
CA TYR A 253 -4.82 -13.76 -10.22
C TYR A 253 -5.78 -13.23 -11.28
N VAL A 254 -5.23 -12.75 -12.40
CA VAL A 254 -6.07 -12.22 -13.48
C VAL A 254 -7.01 -13.29 -14.02
N ASP A 255 -6.56 -14.53 -14.10
CA ASP A 255 -7.34 -15.64 -14.63
C ASP A 255 -8.38 -16.19 -13.65
N ILE A 256 -8.54 -15.61 -12.46
CA ILE A 256 -9.38 -16.17 -11.40
C ILE A 256 -10.49 -15.20 -11.04
N ASP A 257 -11.74 -15.66 -11.06
CA ASP A 257 -12.84 -14.79 -10.69
C ASP A 257 -12.80 -14.50 -9.19
N PRO A 258 -12.86 -13.23 -8.77
CA PRO A 258 -12.80 -12.90 -7.33
C PRO A 258 -13.76 -13.69 -6.45
N PHE A 259 -14.95 -14.03 -6.92
CA PHE A 259 -15.86 -14.87 -6.15
C PHE A 259 -15.31 -16.26 -5.91
N GLU A 260 -14.37 -16.73 -6.73
CA GLU A 260 -13.82 -18.06 -6.54
C GLU A 260 -12.42 -17.99 -5.93
N MET A 261 -12.00 -16.81 -5.49
CA MET A 261 -10.67 -16.66 -4.91
C MET A 261 -10.50 -17.55 -3.67
N ALA A 262 -11.51 -17.57 -2.80
CA ALA A 262 -11.41 -18.38 -1.59
C ALA A 262 -11.39 -19.87 -1.91
N ALA A 263 -12.30 -20.33 -2.77
CA ALA A 263 -12.32 -21.74 -3.17
C ALA A 263 -10.98 -22.16 -3.77
N TYR A 264 -10.42 -21.34 -4.66
CA TYR A 264 -9.14 -21.66 -5.30
C TYR A 264 -8.02 -21.74 -4.27
N LEU A 265 -8.03 -20.87 -3.25
CA LEU A 265 -7.02 -20.94 -2.21
C LEU A 265 -7.19 -22.18 -1.34
N LYS A 266 -8.43 -22.51 -0.95
CA LYS A 266 -8.68 -23.72 -0.18
C LYS A 266 -8.19 -24.96 -0.91
N ASP A 267 -8.43 -25.05 -2.21
CA ASP A 267 -7.96 -26.22 -2.96
C ASP A 267 -6.47 -26.22 -3.19
N GLY A 268 -5.73 -25.32 -2.53
CA GLY A 268 -4.29 -25.40 -2.48
C GLY A 268 -3.57 -24.82 -3.66
N TYR A 269 -4.22 -23.95 -4.43
CA TYR A 269 -3.59 -23.37 -5.60
C TYR A 269 -3.01 -22.00 -5.27
N ARG A 270 -1.89 -21.69 -5.90
CA ARG A 270 -1.26 -20.40 -5.68
C ARG A 270 -0.82 -19.83 -7.02
N ILE A 271 -0.52 -18.54 -7.00
CA ILE A 271 -0.09 -17.84 -8.19
C ILE A 271 1.20 -18.44 -8.71
N ALA A 272 1.46 -18.28 -9.99
CA ALA A 272 2.60 -18.94 -10.61
C ALA A 272 3.88 -18.15 -10.32
N GLN A 273 4.98 -18.89 -10.25
CA GLN A 273 6.28 -18.28 -9.97
C GLN A 273 6.66 -17.32 -11.09
N PRO A 274 7.00 -16.07 -10.77
CA PRO A 274 7.45 -15.15 -11.82
C PRO A 274 8.62 -15.72 -12.61
N ILE A 275 8.64 -15.40 -13.90
CA ILE A 275 9.78 -15.75 -14.74
C ILE A 275 11.04 -15.10 -14.18
N ASN A 276 12.14 -15.86 -14.16
CA ASN A 276 13.49 -15.42 -13.81
C ASN A 276 13.65 -15.10 -12.32
N CYS A 277 12.65 -15.41 -11.48
CA CYS A 277 12.67 -15.29 -10.02
C CYS A 277 13.21 -16.58 -9.40
N PRO A 278 14.23 -16.51 -8.55
CA PRO A 278 14.85 -17.74 -8.00
C PRO A 278 13.82 -18.58 -7.27
N ASP A 279 13.95 -19.91 -7.40
CA ASP A 279 13.12 -20.83 -6.63
C ASP A 279 13.07 -20.45 -5.16
N GLU A 280 14.24 -20.16 -4.58
CA GLU A 280 14.33 -19.92 -3.14
C GLU A 280 13.59 -18.65 -2.72
N LEU A 281 13.55 -17.63 -3.58
CA LEU A 281 12.78 -16.44 -3.26
C LEU A 281 11.29 -16.68 -3.43
N PHE A 282 10.90 -17.47 -4.43
CA PHE A 282 9.50 -17.84 -4.54
C PHE A 282 9.05 -18.66 -3.33
N ALA A 283 9.95 -19.46 -2.74
CA ALA A 283 9.61 -20.21 -1.54
C ALA A 283 9.27 -19.27 -0.38
N VAL A 284 10.00 -18.16 -0.26
CA VAL A 284 9.67 -17.15 0.73
C VAL A 284 8.26 -16.64 0.54
N MET A 285 7.90 -16.26 -0.70
CA MET A 285 6.56 -15.73 -0.87
C MET A 285 5.48 -16.82 -0.73
N ALA A 286 5.82 -18.07 -1.04
CA ALA A 286 4.87 -19.15 -0.76
C ALA A 286 4.69 -19.31 0.74
N CYS A 287 5.76 -19.13 1.50
CA CYS A 287 5.66 -19.23 2.96
C CYS A 287 4.65 -18.26 3.52
N CYS A 288 4.56 -17.07 2.93
CA CYS A 288 3.60 -16.09 3.39
C CYS A 288 2.15 -16.49 3.11
N TRP A 289 1.92 -17.46 2.21
CA TRP A 289 0.57 -17.85 1.85
C TRP A 289 0.15 -19.16 2.48
N ALA A 290 0.81 -19.57 3.57
CA ALA A 290 0.33 -20.73 4.31
C ALA A 290 -1.08 -20.47 4.83
N LEU A 291 -1.91 -21.51 4.75
CA LEU A 291 -3.32 -21.36 5.16
C LEU A 291 -3.43 -21.15 6.67
N ASP A 292 -2.67 -21.90 7.45
CA ASP A 292 -2.59 -21.72 8.90
C ASP A 292 -1.83 -20.43 9.19
N PRO A 293 -2.49 -19.39 9.72
CA PRO A 293 -1.78 -18.13 9.95
C PRO A 293 -0.54 -18.27 10.81
N GLU A 294 -0.52 -19.24 11.72
CA GLU A 294 0.64 -19.33 12.60
C GLU A 294 1.80 -20.07 11.97
N GLU A 295 1.69 -20.49 10.71
CA GLU A 295 2.85 -21.02 10.00
C GLU A 295 3.56 -19.97 9.17
N ARG A 296 2.95 -18.82 8.93
CA ARG A 296 3.59 -17.80 8.14
C ARG A 296 4.70 -17.13 8.95
N PRO A 297 5.76 -16.66 8.29
CA PRO A 297 6.83 -15.98 9.02
C PRO A 297 6.38 -14.64 9.57
N LYS A 298 7.18 -14.13 10.50
CA LYS A 298 7.01 -12.77 10.98
C LYS A 298 7.82 -11.80 10.12
N PHE A 299 7.35 -10.54 10.06
CA PHE A 299 8.05 -9.55 9.25
C PHE A 299 9.53 -9.45 9.65
N GLN A 300 9.84 -9.60 10.93
CA GLN A 300 11.23 -9.54 11.37
C GLN A 300 12.05 -10.66 10.75
N GLN A 301 11.51 -11.89 10.71
CA GLN A 301 12.21 -12.97 10.02
C GLN A 301 12.32 -12.66 8.54
N LEU A 302 11.29 -12.05 7.97
CA LEU A 302 11.34 -11.65 6.57
C LEU A 302 12.46 -10.63 6.33
N VAL A 303 12.56 -9.60 7.18
CA VAL A 303 13.66 -8.64 7.05
C VAL A 303 15.00 -9.38 7.06
N GLN A 304 15.17 -10.30 8.02
CA GLN A 304 16.44 -11.00 8.13
C GLN A 304 16.73 -11.79 6.87
N CYS A 305 15.72 -12.48 6.34
CA CYS A 305 15.94 -13.41 5.25
C CYS A 305 16.20 -12.66 3.94
N LEU A 306 15.32 -11.71 3.61
CA LEU A 306 15.50 -10.91 2.40
C LEU A 306 16.81 -10.14 2.42
N THR A 307 17.26 -9.69 3.61
CA THR A 307 18.59 -9.10 3.72
C THR A 307 19.66 -10.06 3.23
N GLU A 308 19.66 -11.29 3.75
CA GLU A 308 20.53 -12.34 3.24
C GLU A 308 20.40 -12.47 1.72
N PHE A 309 19.15 -12.45 1.22
CA PHE A 309 18.91 -12.62 -0.20
C PHE A 309 19.54 -11.49 -1.00
N HIS A 310 19.54 -10.30 -0.44
CA HIS A 310 20.07 -9.15 -1.16
C HIS A 310 21.53 -9.35 -1.52
N ALA A 311 22.37 -9.73 -0.55
CA ALA A 311 23.75 -10.04 -0.86
C ALA A 311 23.84 -11.18 -1.88
N ALA A 312 23.04 -12.23 -1.69
CA ALA A 312 23.12 -13.41 -2.57
C ALA A 312 22.77 -13.08 -4.01
N LEU A 313 21.76 -12.25 -4.22
CA LEU A 313 21.37 -11.84 -5.57
C LEU A 313 22.37 -10.88 -6.19
N GLY A 314 23.21 -10.24 -5.39
CA GLY A 314 24.32 -9.49 -5.97
C GLY A 314 25.40 -10.40 -6.52
N ALA A 315 25.77 -11.43 -5.75
CA ALA A 315 26.86 -12.33 -6.15
C ALA A 315 26.43 -13.38 -7.16
N TYR A 316 25.17 -13.80 -7.16
CA TYR A 316 24.70 -14.91 -8.02
C TYR A 316 23.58 -14.39 -8.90
N VAL A 317 23.91 -14.08 -10.15
CA VAL A 317 23.01 -13.41 -11.05
C VAL A 317 22.19 -14.46 -11.79
S SO4 B . 11.77 -0.33 16.36
O1 SO4 B . 11.61 0.31 17.67
O2 SO4 B . 12.01 0.70 15.35
O3 SO4 B . 12.93 -1.23 16.36
O4 SO4 B . 10.57 -1.13 16.07
S SO4 C . -13.50 19.38 -10.07
O1 SO4 C . -13.00 19.42 -8.70
O2 SO4 C . -13.80 20.75 -10.49
O3 SO4 C . -12.48 18.82 -10.95
O4 SO4 C . -14.69 18.55 -10.13
S SO4 D . 13.40 9.70 5.90
O1 SO4 D . 14.42 10.70 6.20
O2 SO4 D . 12.57 10.19 4.80
O3 SO4 D . 14.06 8.45 5.53
O4 SO4 D . 12.57 9.48 7.08
S SO4 E . 7.48 4.35 19.36
O1 SO4 E . 6.16 4.07 19.93
O2 SO4 E . 7.69 5.78 19.24
O3 SO4 E . 8.52 3.77 20.21
O4 SO4 E . 7.57 3.75 18.04
S SO4 F . 5.09 23.38 9.83
O1 SO4 F . 5.93 24.29 10.60
O2 SO4 F . 4.00 24.14 9.24
O3 SO4 F . 5.88 22.74 8.78
O4 SO4 F . 4.54 22.35 10.73
#